data_8AR4
#
_entry.id   8AR4
#
_cell.length_a   82.032
_cell.length_b   111.718
_cell.length_c   62.281
_cell.angle_alpha   90.00
_cell.angle_beta   90.00
_cell.angle_gamma   90.00
#
_symmetry.space_group_name_H-M   'C 2 2 21'
#
loop_
_entity.id
_entity.type
_entity.pdbx_description
1 polymer '14-3-3 protein sigma'
2 polymer 'Estrogen receptor'
3 non-polymer 'MAGNESIUM ION'
4 non-polymer 2-chloranyl-N-[[1-[4-[(4-chlorophenyl)amino]-2,2,6,6-tetramethyl-oxan-4-yl]carbonylpiperidin-4-yl]methyl]ethanamide
5 water water
#
loop_
_entity_poly.entity_id
_entity_poly.type
_entity_poly.pdbx_seq_one_letter_code
_entity_poly.pdbx_strand_id
1 'polypeptide(L)'
;GAMGSMERASLIQKAKLAEQAERYEDMAAFMKGAVEKGEELSCEERNLLSVAYKNVVGGQRAAWRVLSSIEQKSNEEGSE
EKGPEVREYREKVETELQGVCDTVLGLLDSHLIKEAGDAESRVFYLKMKGDYYRYLAEVATGDDKKRIIDSARSAYQEAM
DISKKEMPPTNPIRLGLALNFSVFHYEIANSPEEAISLAKTTFDEAMADLHTLSEDSYKDSTLIMQLLRDNLTLWT
;
A
2 'polypeptide(L)' FPA(TPO)V B
#
loop_
_chem_comp.id
_chem_comp.type
_chem_comp.name
_chem_comp.formula
MG non-polymer 'MAGNESIUM ION' 'Mg 2'
NG9 non-polymer 2-chloranyl-N-[[1-[4-[(4-chlorophenyl)amino]-2,2,6,6-tetramethyl-oxan-4-yl]carbonylpiperidin-4-yl]methyl]ethanamide 'C24 H35 Cl2 N3 O3'
#
# COMPACT_ATOMS: atom_id res chain seq x y z
N GLY A 1 -18.01 -11.24 -12.80
CA GLY A 1 -16.75 -11.80 -12.26
C GLY A 1 -16.43 -13.14 -12.91
N ALA A 2 -15.31 -13.18 -13.64
CA ALA A 2 -14.78 -14.40 -14.25
C ALA A 2 -14.50 -15.48 -13.22
N MET A 3 -14.33 -15.10 -11.95
CA MET A 3 -14.11 -16.02 -10.85
C MET A 3 -15.39 -16.45 -10.10
N GLY A 4 -16.54 -15.96 -10.54
CA GLY A 4 -17.81 -16.26 -9.93
C GLY A 4 -18.16 -17.73 -9.79
N SER A 5 -17.68 -18.54 -10.76
CA SER A 5 -17.97 -19.98 -10.75
C SER A 5 -17.00 -20.82 -9.93
N MET A 6 -15.92 -20.21 -9.46
CA MET A 6 -14.92 -20.97 -8.69
C MET A 6 -15.17 -20.87 -7.20
N GLU A 7 -15.03 -21.99 -6.50
CA GLU A 7 -15.16 -22.05 -5.04
C GLU A 7 -14.21 -21.09 -4.35
N ARG A 8 -14.68 -20.48 -3.26
CA ARG A 8 -13.84 -19.59 -2.42
C ARG A 8 -12.55 -20.31 -2.05
N ALA A 9 -12.63 -21.56 -1.60
CA ALA A 9 -11.48 -22.25 -1.10
C ALA A 9 -10.49 -22.49 -2.23
N SER A 10 -11.00 -22.77 -3.43
CA SER A 10 -10.16 -23.02 -4.59
C SER A 10 -9.44 -21.75 -5.03
N LEU A 11 -10.13 -20.60 -4.94
CA LEU A 11 -9.53 -19.29 -5.20
C LEU A 11 -8.38 -19.00 -4.25
N ILE A 12 -8.56 -19.30 -2.98
CA ILE A 12 -7.52 -19.09 -1.98
C ILE A 12 -6.35 -20.05 -2.27
N GLN A 13 -6.64 -21.32 -2.59
CA GLN A 13 -5.61 -22.31 -2.87
C GLN A 13 -4.80 -21.84 -4.06
N LYS A 14 -5.49 -21.40 -5.11
CA LYS A 14 -4.83 -20.93 -6.31
C LYS A 14 -4.04 -19.65 -6.15
N ALA A 15 -4.53 -18.76 -5.28
CA ALA A 15 -3.78 -17.55 -4.97
C ALA A 15 -2.42 -17.94 -4.37
N LYS A 16 -2.41 -18.93 -3.47
CA LYS A 16 -1.17 -19.45 -2.89
C LYS A 16 -0.24 -20.06 -3.89
N LEU A 17 -0.81 -20.80 -4.82
CA LEU A 17 0.00 -21.36 -5.90
C LEU A 17 0.59 -20.25 -6.77
N ALA A 18 -0.24 -19.25 -7.09
CA ALA A 18 0.18 -18.15 -7.91
C ALA A 18 1.32 -17.41 -7.22
N GLU A 19 1.22 -17.23 -5.90
CA GLU A 19 2.31 -16.61 -5.19
C GLU A 19 3.62 -17.42 -5.35
N GLN A 20 3.54 -18.74 -5.15
CA GLN A 20 4.71 -19.61 -5.32
C GLN A 20 5.34 -19.49 -6.70
N ALA A 21 4.49 -19.36 -7.73
CA ALA A 21 4.90 -19.21 -9.09
C ALA A 21 5.26 -17.78 -9.52
N GLU A 22 5.19 -16.85 -8.57
CA GLU A 22 5.43 -15.43 -8.80
C GLU A 22 4.54 -14.87 -9.93
N ARG A 23 3.29 -15.33 -9.93
CA ARG A 23 2.24 -14.92 -10.91
C ARG A 23 1.29 -13.99 -10.16
N TYR A 24 1.72 -12.75 -9.90
CA TYR A 24 1.00 -11.86 -8.97
C TYR A 24 -0.27 -11.31 -9.61
N GLU A 25 -0.30 -11.19 -10.94
CA GLU A 25 -1.55 -10.77 -11.56
C GLU A 25 -2.63 -11.83 -11.36
N ASP A 26 -2.27 -13.09 -11.57
CA ASP A 26 -3.19 -14.19 -11.32
C ASP A 26 -3.58 -14.23 -9.86
N MET A 27 -2.61 -14.03 -8.97
CA MET A 27 -2.82 -14.04 -7.52
C MET A 27 -3.86 -12.98 -7.14
N ALA A 28 -3.72 -11.79 -7.72
CA ALA A 28 -4.61 -10.69 -7.46
C ALA A 28 -6.03 -11.00 -7.96
N ALA A 29 -6.14 -11.56 -9.16
CA ALA A 29 -7.45 -11.95 -9.67
C ALA A 29 -8.16 -13.03 -8.85
N PHE A 30 -7.38 -14.01 -8.36
CA PHE A 30 -7.95 -15.02 -7.52
C PHE A 30 -8.45 -14.39 -6.24
N MET A 31 -7.64 -13.51 -5.64
CA MET A 31 -8.02 -12.87 -4.40
C MET A 31 -9.19 -11.90 -4.55
N LYS A 32 -9.28 -11.19 -5.66
CA LYS A 32 -10.46 -10.39 -5.96
C LYS A 32 -11.70 -11.29 -5.98
N GLY A 33 -11.60 -12.42 -6.69
CA GLY A 33 -12.69 -13.38 -6.74
C GLY A 33 -13.06 -13.84 -5.36
N ALA A 34 -12.06 -14.15 -4.52
CA ALA A 34 -12.37 -14.55 -3.15
C ALA A 34 -13.12 -13.47 -2.36
N VAL A 35 -12.64 -12.24 -2.47
CA VAL A 35 -13.28 -11.15 -1.75
C VAL A 35 -14.73 -11.04 -2.19
N GLU A 36 -14.95 -11.17 -3.50
CA GLU A 36 -16.27 -10.97 -4.03
C GLU A 36 -17.27 -12.06 -3.66
N LYS A 37 -16.81 -13.16 -3.06
CA LYS A 37 -17.71 -14.13 -2.47
C LYS A 37 -18.53 -13.51 -1.36
N GLY A 38 -18.05 -12.41 -0.76
CA GLY A 38 -18.82 -11.61 0.19
C GLY A 38 -18.57 -11.94 1.63
N GLU A 39 -17.75 -12.94 1.91
CA GLU A 39 -17.42 -13.33 3.27
C GLU A 39 -16.21 -12.53 3.72
N GLU A 40 -16.09 -12.29 5.02
CA GLU A 40 -14.94 -11.61 5.56
C GLU A 40 -13.68 -12.46 5.31
N LEU A 41 -12.51 -11.85 5.37
CA LEU A 41 -11.23 -12.49 5.15
C LEU A 41 -10.57 -12.71 6.45
N SER A 42 -9.93 -13.86 6.61
CA SER A 42 -9.03 -14.13 7.70
C SER A 42 -7.76 -13.33 7.55
N CYS A 43 -6.93 -13.35 8.61
CA CYS A 43 -5.63 -12.73 8.53
C CYS A 43 -4.79 -13.21 7.36
N GLU A 44 -4.67 -14.53 7.20
CA GLU A 44 -3.88 -15.10 6.13
C GLU A 44 -4.40 -14.61 4.78
N GLU A 45 -5.72 -14.61 4.65
CA GLU A 45 -6.37 -14.20 3.40
C GLU A 45 -6.16 -12.70 3.09
N ARG A 46 -6.23 -11.86 4.11
CA ARG A 46 -5.92 -10.40 3.96
C ARG A 46 -4.48 -10.24 3.50
N ASN A 47 -3.57 -11.06 4.02
CA ASN A 47 -2.19 -10.98 3.63
C ASN A 47 -2.05 -11.38 2.17
N LEU A 48 -2.78 -12.40 1.74
CA LEU A 48 -2.69 -12.79 0.35
C LEU A 48 -3.18 -11.66 -0.58
N LEU A 49 -4.30 -11.06 -0.20
CA LEU A 49 -4.86 -9.93 -0.95
C LEU A 49 -3.86 -8.80 -1.09
N SER A 50 -3.24 -8.42 0.02
CA SER A 50 -2.36 -7.30 0.03
C SER A 50 -1.11 -7.61 -0.74
N VAL A 51 -0.56 -8.81 -0.60
CA VAL A 51 0.68 -9.14 -1.24
C VAL A 51 0.46 -9.11 -2.76
N ALA A 52 -0.66 -9.68 -3.20
CA ALA A 52 -0.92 -9.77 -4.60
C ALA A 52 -0.93 -8.39 -5.25
N TYR A 53 -1.78 -7.50 -4.73
CA TYR A 53 -1.95 -6.15 -5.31
C TYR A 53 -0.70 -5.30 -5.08
N LYS A 54 -0.01 -5.47 -3.97
CA LYS A 54 1.22 -4.71 -3.74
C LYS A 54 2.22 -5.00 -4.82
N ASN A 55 2.32 -6.27 -5.21
CA ASN A 55 3.26 -6.69 -6.25
C ASN A 55 2.84 -6.18 -7.63
N VAL A 56 1.56 -6.31 -7.94
CA VAL A 56 1.08 -5.82 -9.23
C VAL A 56 1.32 -4.30 -9.32
N VAL A 57 0.84 -3.52 -8.34
CA VAL A 57 0.96 -2.07 -8.43
C VAL A 57 2.42 -1.64 -8.27
N GLY A 58 3.21 -2.41 -7.52
CA GLY A 58 4.63 -2.11 -7.40
C GLY A 58 5.34 -2.11 -8.72
N GLY A 59 5.01 -3.11 -9.53
CA GLY A 59 5.55 -3.21 -10.85
C GLY A 59 5.10 -2.09 -11.74
N GLN A 60 3.84 -1.69 -11.64
CA GLN A 60 3.30 -0.60 -12.45
C GLN A 60 3.96 0.72 -12.04
N ARG A 61 4.14 0.94 -10.74
CA ARG A 61 4.76 2.17 -10.21
C ARG A 61 6.21 2.23 -10.73
N ALA A 62 6.95 1.14 -10.66
CA ALA A 62 8.32 1.18 -11.14
C ALA A 62 8.36 1.54 -12.60
N ALA A 63 7.46 0.94 -13.39
CA ALA A 63 7.39 1.21 -14.81
C ALA A 63 7.01 2.67 -15.09
N TRP A 64 6.01 3.16 -14.36
CA TRP A 64 5.58 4.54 -14.49
C TRP A 64 6.74 5.51 -14.23
N ARG A 65 7.54 5.24 -13.21
CA ARG A 65 8.70 6.10 -12.83
C ARG A 65 9.74 6.07 -13.96
N VAL A 66 10.03 4.92 -14.54
CA VAL A 66 10.96 4.84 -15.65
C VAL A 66 10.46 5.73 -16.79
N LEU A 67 9.19 5.56 -17.14
CA LEU A 67 8.59 6.31 -18.26
C LEU A 67 8.50 7.81 -17.99
N SER A 68 8.09 8.17 -16.78
CA SER A 68 8.00 9.57 -16.37
C SER A 68 9.36 10.27 -16.43
N SER A 69 10.42 9.56 -16.03
CA SER A 69 11.78 10.09 -16.14
C SER A 69 12.17 10.37 -17.60
N ILE A 70 11.89 9.41 -18.49
CA ILE A 70 12.19 9.57 -19.91
C ILE A 70 11.40 10.75 -20.46
N GLU A 71 10.14 10.89 -20.04
CA GLU A 71 9.27 11.95 -20.52
C GLU A 71 9.78 13.33 -20.05
N GLN A 72 10.23 13.40 -18.79
CA GLN A 72 10.78 14.64 -18.25
C GLN A 72 12.01 15.06 -19.07
N LYS A 73 12.94 14.13 -19.27
CA LYS A 73 14.14 14.35 -20.08
C LYS A 73 13.81 14.87 -21.48
N SER A 74 12.79 14.30 -22.12
CA SER A 74 12.33 14.74 -23.43
C SER A 74 11.77 16.17 -23.42
N ASN A 75 11.35 16.66 -22.25
CA ASN A 75 10.82 18.02 -22.11
C ASN A 75 11.81 19.04 -21.54
N GLU A 76 13.10 18.69 -21.50
CA GLU A 76 14.16 19.62 -21.15
C GLU A 76 14.66 20.33 -22.40
N GLU A 77 15.26 21.51 -22.23
CA GLU A 77 15.82 22.28 -23.33
C GLU A 77 16.98 21.50 -23.98
N GLY A 78 17.03 21.54 -25.31
CA GLY A 78 18.06 20.85 -26.08
C GLY A 78 17.77 19.38 -26.35
N SER A 79 16.56 18.93 -25.98
CA SER A 79 16.09 17.58 -26.25
C SER A 79 15.38 17.59 -27.59
N GLU A 80 15.64 16.55 -28.40
CA GLU A 80 15.05 16.43 -29.72
C GLU A 80 13.62 15.89 -29.60
N GLU A 81 12.68 16.55 -30.28
CA GLU A 81 11.27 16.17 -30.28
C GLU A 81 11.12 14.78 -30.90
N LYS A 82 10.48 13.87 -30.17
CA LYS A 82 10.28 12.49 -30.62
C LYS A 82 8.80 12.09 -30.69
N GLY A 83 7.92 13.09 -30.77
CA GLY A 83 6.50 12.88 -30.93
C GLY A 83 5.76 12.54 -29.64
N PRO A 84 4.50 12.10 -29.74
CA PRO A 84 3.64 11.84 -28.59
C PRO A 84 3.85 10.49 -27.89
N GLU A 85 4.76 9.65 -28.39
CA GLU A 85 4.79 8.25 -27.94
C GLU A 85 5.17 8.06 -26.50
N VAL A 86 6.08 8.88 -25.97
CA VAL A 86 6.49 8.68 -24.59
C VAL A 86 5.34 9.02 -23.65
N ARG A 87 4.69 10.17 -23.88
CA ARG A 87 3.48 10.59 -23.13
C ARG A 87 2.42 9.52 -23.29
N GLU A 88 2.15 9.07 -24.52
CA GLU A 88 1.08 8.11 -24.70
C GLU A 88 1.33 6.86 -23.88
N TYR A 89 2.54 6.36 -23.90
CA TYR A 89 2.84 5.07 -23.25
C TYR A 89 2.89 5.25 -21.73
N ARG A 90 3.40 6.38 -21.22
CA ARG A 90 3.32 6.70 -19.79
C ARG A 90 1.84 6.77 -19.41
N GLU A 91 1.00 7.39 -20.25
CA GLU A 91 -0.42 7.47 -19.96
C GLU A 91 -1.07 6.09 -19.93
N LYS A 92 -0.65 5.20 -20.82
CA LYS A 92 -1.19 3.86 -20.86
C LYS A 92 -0.91 3.13 -19.54
N VAL A 93 0.36 3.14 -19.14
CA VAL A 93 0.75 2.50 -17.89
C VAL A 93 0.05 3.19 -16.72
N GLU A 94 -0.04 4.51 -16.73
CA GLU A 94 -0.72 5.26 -15.69
C GLU A 94 -2.20 4.85 -15.53
N THR A 95 -2.88 4.71 -16.67
CA THR A 95 -4.29 4.37 -16.66
C THR A 95 -4.48 2.95 -16.10
N GLU A 96 -3.58 2.04 -16.47
CA GLU A 96 -3.63 0.69 -15.96
C GLU A 96 -3.38 0.67 -14.46
N LEU A 97 -2.42 1.47 -14.00
CA LEU A 97 -2.15 1.62 -12.57
C LEU A 97 -3.36 2.15 -11.84
N GLN A 98 -3.96 3.20 -12.37
CA GLN A 98 -5.12 3.77 -11.78
C GLN A 98 -6.24 2.75 -11.70
N GLY A 99 -6.38 1.93 -12.75
CA GLY A 99 -7.41 0.90 -12.75
C GLY A 99 -7.21 -0.09 -11.64
N VAL A 100 -5.98 -0.51 -11.42
CA VAL A 100 -5.70 -1.44 -10.36
C VAL A 100 -6.03 -0.78 -9.03
N CYS A 101 -5.62 0.47 -8.81
CA CYS A 101 -5.93 1.16 -7.57
C CYS A 101 -7.42 1.26 -7.35
N ASP A 102 -8.16 1.63 -8.40
CA ASP A 102 -9.59 1.68 -8.33
C ASP A 102 -10.22 0.37 -7.95
N THR A 103 -9.65 -0.72 -8.47
CA THR A 103 -10.17 -2.06 -8.18
C THR A 103 -10.00 -2.40 -6.70
N VAL A 104 -8.81 -2.11 -6.16
CA VAL A 104 -8.53 -2.43 -4.79
C VAL A 104 -9.42 -1.55 -3.91
N LEU A 105 -9.50 -0.25 -4.23
CA LEU A 105 -10.32 0.64 -3.45
C LEU A 105 -11.76 0.20 -3.49
N GLY A 106 -12.18 -0.31 -4.64
CA GLY A 106 -13.54 -0.81 -4.75
C GLY A 106 -13.82 -2.02 -3.89
N LEU A 107 -12.86 -2.93 -3.78
CA LEU A 107 -12.99 -4.06 -2.89
C LEU A 107 -13.12 -3.59 -1.43
N LEU A 108 -12.29 -2.62 -1.04
CA LEU A 108 -12.28 -2.08 0.30
C LEU A 108 -13.63 -1.43 0.61
N ASP A 109 -14.16 -0.69 -0.35
CA ASP A 109 -15.42 0.00 -0.17
C ASP A 109 -16.62 -0.89 -0.33
N SER A 110 -16.49 -2.02 -1.01
CA SER A 110 -17.61 -2.93 -1.31
C SER A 110 -17.17 -4.38 -1.11
N HIS A 111 -17.09 -4.84 0.15
CA HIS A 111 -17.53 -4.16 1.35
C HIS A 111 -16.58 -4.51 2.50
N LEU A 112 -15.28 -4.64 2.22
CA LEU A 112 -14.37 -5.14 3.25
C LEU A 112 -14.33 -4.23 4.47
N ILE A 113 -14.16 -2.93 4.27
CA ILE A 113 -14.01 -2.02 5.41
C ILE A 113 -15.25 -2.01 6.31
N LYS A 114 -16.43 -1.87 5.73
CA LYS A 114 -17.62 -1.73 6.53
C LYS A 114 -17.90 -2.97 7.35
N GLU A 115 -17.44 -4.15 6.93
CA GLU A 115 -17.66 -5.38 7.73
C GLU A 115 -16.55 -5.72 8.71
N ALA A 116 -15.47 -4.92 8.64
CA ALA A 116 -14.31 -5.14 9.51
C ALA A 116 -14.48 -4.45 10.85
N GLY A 117 -14.74 -5.24 11.89
CA GLY A 117 -14.99 -4.73 13.22
C GLY A 117 -13.81 -4.85 14.15
N ASP A 118 -12.94 -5.83 13.91
CA ASP A 118 -11.82 -6.03 14.82
C ASP A 118 -10.73 -5.05 14.42
N ALA A 119 -9.99 -4.56 15.41
CA ALA A 119 -8.97 -3.58 15.17
C ALA A 119 -8.00 -4.02 14.10
N GLU A 120 -7.58 -5.29 14.13
CA GLU A 120 -6.51 -5.76 13.28
C GLU A 120 -6.99 -5.79 11.84
N SER A 121 -8.26 -6.13 11.62
CA SER A 121 -8.74 -6.16 10.24
C SER A 121 -9.02 -4.76 9.73
N ARG A 122 -9.67 -3.96 10.56
CA ARG A 122 -10.09 -2.59 10.17
C ARG A 122 -8.87 -1.72 9.90
N VAL A 123 -7.87 -1.76 10.78
CA VAL A 123 -6.67 -1.00 10.57
C VAL A 123 -5.96 -1.47 9.29
N PHE A 124 -5.85 -2.79 9.07
CA PHE A 124 -5.19 -3.33 7.88
C PHE A 124 -5.85 -2.78 6.60
N TYR A 125 -7.18 -2.82 6.52
CA TYR A 125 -7.89 -2.36 5.31
C TYR A 125 -7.80 -0.84 5.13
N LEU A 126 -7.88 -0.09 6.23
CA LEU A 126 -7.76 1.36 6.16
C LEU A 126 -6.35 1.75 5.74
N LYS A 127 -5.33 1.02 6.18
CA LYS A 127 -3.97 1.23 5.73
C LYS A 127 -3.93 0.99 4.23
N MET A 128 -4.53 -0.11 3.75
CA MET A 128 -4.59 -0.35 2.32
C MET A 128 -5.25 0.79 1.57
N LYS A 129 -6.36 1.30 2.09
CA LYS A 129 -7.05 2.38 1.46
C LYS A 129 -6.12 3.57 1.32
N GLY A 130 -5.40 3.89 2.40
CA GLY A 130 -4.40 4.94 2.36
C GLY A 130 -3.36 4.72 1.30
N ASP A 131 -2.83 3.50 1.24
CA ASP A 131 -1.79 3.14 0.29
C ASP A 131 -2.26 3.36 -1.13
N TYR A 132 -3.45 2.87 -1.47
CA TYR A 132 -3.91 2.90 -2.89
C TYR A 132 -4.30 4.32 -3.28
N TYR A 133 -4.81 5.13 -2.37
CA TYR A 133 -4.97 6.58 -2.64
C TYR A 133 -3.61 7.26 -2.75
N ARG A 134 -2.63 6.83 -1.96
CA ARG A 134 -1.26 7.37 -2.13
C ARG A 134 -0.73 7.05 -3.53
N TYR A 135 -0.93 5.83 -4.02
CA TYR A 135 -0.47 5.46 -5.38
C TYR A 135 -1.20 6.31 -6.43
N LEU A 136 -2.49 6.56 -6.26
CA LEU A 136 -3.17 7.48 -7.13
C LEU A 136 -2.60 8.89 -7.04
N ALA A 137 -2.20 9.34 -5.85
CA ALA A 137 -1.63 10.67 -5.64
C ALA A 137 -0.30 10.78 -6.35
N GLU A 138 0.46 9.71 -6.41
CA GLU A 138 1.77 9.75 -6.99
C GLU A 138 1.69 10.19 -8.45
N VAL A 139 0.63 9.78 -9.16
CA VAL A 139 0.48 10.09 -10.57
C VAL A 139 -0.53 11.19 -10.87
N ALA A 140 -1.18 11.74 -9.85
CA ALA A 140 -2.17 12.79 -10.02
C ALA A 140 -1.51 14.13 -10.35
N THR A 141 -2.08 14.83 -11.32
CA THR A 141 -1.61 16.15 -11.77
C THR A 141 -2.76 17.11 -12.06
N GLY A 142 -3.97 16.77 -11.59
CA GLY A 142 -5.20 17.43 -11.99
C GLY A 142 -6.01 18.11 -10.90
N ASP A 143 -7.24 18.51 -11.25
CA ASP A 143 -8.24 19.18 -10.39
C ASP A 143 -8.48 18.43 -9.08
N ASP A 144 -8.40 17.10 -9.15
CA ASP A 144 -8.70 16.21 -8.03
C ASP A 144 -7.51 15.86 -7.14
N LYS A 145 -6.31 16.34 -7.49
CA LYS A 145 -5.10 15.91 -6.80
C LYS A 145 -5.20 16.12 -5.28
N LYS A 146 -5.67 17.30 -4.85
CA LYS A 146 -5.76 17.62 -3.43
C LYS A 146 -6.72 16.69 -2.76
N ARG A 147 -7.83 16.36 -3.43
CA ARG A 147 -8.87 15.50 -2.84
C ARG A 147 -8.28 14.08 -2.74
N ILE A 148 -7.48 13.65 -3.72
CA ILE A 148 -6.91 12.31 -3.68
C ILE A 148 -5.96 12.22 -2.51
N ILE A 149 -5.10 13.24 -2.33
CA ILE A 149 -4.19 13.29 -1.21
C ILE A 149 -4.92 13.25 0.09
N ASP A 150 -5.99 14.03 0.19
CA ASP A 150 -6.76 14.04 1.39
C ASP A 150 -7.45 12.71 1.71
N SER A 151 -7.88 11.99 0.68
CA SER A 151 -8.45 10.66 0.85
C SER A 151 -7.40 9.73 1.43
N ALA A 152 -6.17 9.80 0.92
CA ALA A 152 -5.12 8.94 1.50
C ALA A 152 -4.94 9.30 2.97
N ARG A 153 -4.80 10.60 3.24
CA ARG A 153 -4.54 11.14 4.60
C ARG A 153 -5.65 10.70 5.55
N SER A 154 -6.90 10.86 5.14
CA SER A 154 -8.01 10.51 6.01
C SER A 154 -8.07 9.03 6.39
N ALA A 155 -7.81 8.15 5.39
CA ALA A 155 -7.78 6.70 5.60
C ALA A 155 -6.65 6.32 6.57
N TYR A 156 -5.48 6.87 6.33
CA TYR A 156 -4.32 6.63 7.22
C TYR A 156 -4.61 7.14 8.63
N GLN A 157 -5.24 8.30 8.73
CA GLN A 157 -5.48 8.90 10.05
C GLN A 157 -6.49 8.06 10.85
N GLU A 158 -7.53 7.53 10.18
CA GLU A 158 -8.51 6.69 10.85
C GLU A 158 -7.80 5.41 11.35
N ALA A 159 -6.95 4.84 10.49
CA ALA A 159 -6.22 3.63 10.85
C ALA A 159 -5.33 3.96 12.08
N MET A 160 -4.62 5.10 12.02
CA MET A 160 -3.71 5.50 13.10
C MET A 160 -4.48 5.61 14.39
N ASP A 161 -5.64 6.27 14.34
CA ASP A 161 -6.42 6.48 15.55
C ASP A 161 -6.82 5.14 16.20
N ILE A 162 -7.32 4.22 15.39
CA ILE A 162 -7.71 2.88 15.91
C ILE A 162 -6.49 2.14 16.43
N SER A 163 -5.37 2.23 15.71
CA SER A 163 -4.20 1.41 16.04
C SER A 163 -3.63 1.88 17.38
N LYS A 164 -3.59 3.18 17.62
CA LYS A 164 -3.05 3.71 18.87
C LYS A 164 -3.95 3.36 20.06
N LYS A 165 -5.26 3.28 19.85
CA LYS A 165 -6.18 2.91 20.90
C LYS A 165 -6.19 1.41 21.19
N GLU A 166 -6.05 0.60 20.13
CA GLU A 166 -6.38 -0.81 20.20
C GLU A 166 -5.25 -1.82 20.12
N MET A 167 -4.06 -1.38 19.67
CA MET A 167 -2.96 -2.28 19.43
C MET A 167 -1.74 -1.84 20.21
N PRO A 168 -0.87 -2.78 20.63
CA PRO A 168 0.39 -2.40 21.26
C PRO A 168 1.32 -1.73 20.28
N PRO A 169 2.27 -0.91 20.76
CA PRO A 169 3.14 -0.17 19.86
C PRO A 169 4.05 -1.07 19.02
N THR A 170 4.21 -2.34 19.40
CA THR A 170 5.00 -3.30 18.62
C THR A 170 4.18 -4.06 17.59
N ASN A 171 2.85 -3.91 17.61
CA ASN A 171 2.04 -4.71 16.71
C ASN A 171 2.50 -4.45 15.27
N PRO A 172 2.83 -5.50 14.48
CA PRO A 172 3.32 -5.29 13.13
C PRO A 172 2.42 -4.45 12.20
N ILE A 173 1.11 -4.55 12.36
CA ILE A 173 0.19 -3.77 11.53
C ILE A 173 0.30 -2.30 11.92
N ARG A 174 0.31 -2.02 13.22
CA ARG A 174 0.52 -0.64 13.73
C ARG A 174 1.86 -0.10 13.20
N LEU A 175 2.92 -0.90 13.20
CA LEU A 175 4.19 -0.45 12.73
C LEU A 175 4.18 -0.19 11.23
N GLY A 176 3.64 -1.12 10.47
CA GLY A 176 3.58 -1.00 9.04
C GLY A 176 2.76 0.19 8.59
N LEU A 177 1.63 0.40 9.25
CA LEU A 177 0.83 1.59 8.99
C LEU A 177 1.65 2.86 9.19
N ALA A 178 2.31 2.97 10.34
CA ALA A 178 3.10 4.13 10.67
C ALA A 178 4.19 4.36 9.67
N LEU A 179 4.88 3.27 9.28
CA LEU A 179 5.91 3.36 8.31
C LEU A 179 5.34 4.03 7.04
N ASN A 180 4.23 3.47 6.54
CA ASN A 180 3.65 3.99 5.30
C ASN A 180 3.08 5.40 5.42
N PHE A 181 2.43 5.72 6.52
CA PHE A 181 1.91 7.06 6.70
C PHE A 181 3.02 8.07 6.79
N SER A 182 4.14 7.65 7.39
CA SER A 182 5.32 8.49 7.46
C SER A 182 5.83 8.77 6.05
N VAL A 183 5.91 7.73 5.20
CA VAL A 183 6.24 7.92 3.78
C VAL A 183 5.24 8.84 3.08
N PHE A 184 3.95 8.69 3.37
CA PHE A 184 2.97 9.58 2.80
C PHE A 184 3.34 11.04 3.14
N HIS A 185 3.66 11.31 4.42
CA HIS A 185 4.01 12.66 4.82
C HIS A 185 5.21 13.17 4.04
N TYR A 186 6.23 12.33 3.87
CA TYR A 186 7.50 12.75 3.26
C TYR A 186 7.31 12.97 1.77
N GLU A 187 6.67 12.02 1.10
CA GLU A 187 6.67 11.96 -0.35
C GLU A 187 5.47 12.62 -0.99
N ILE A 188 4.34 12.64 -0.29
CA ILE A 188 3.09 13.09 -0.88
C ILE A 188 2.62 14.42 -0.31
N ALA A 189 2.72 14.58 1.01
CA ALA A 189 2.15 15.75 1.70
C ALA A 189 3.17 16.88 1.86
N ASN A 190 4.41 16.67 1.43
CA ASN A 190 5.46 17.69 1.55
C ASN A 190 5.67 18.08 3.00
N SER A 191 5.69 17.08 3.87
CA SER A 191 5.76 17.27 5.32
C SER A 191 6.87 16.40 5.86
N PRO A 192 8.14 16.64 5.47
CA PRO A 192 9.21 15.77 5.91
C PRO A 192 9.38 15.78 7.44
N GLU A 193 9.15 16.91 8.10
CA GLU A 193 9.30 16.90 9.54
C GLU A 193 8.26 16.01 10.20
N GLU A 194 7.04 16.01 9.70
CA GLU A 194 6.02 15.11 10.20
C GLU A 194 6.42 13.66 9.96
N ALA A 195 6.96 13.37 8.78
CA ALA A 195 7.41 12.04 8.44
C ALA A 195 8.44 11.52 9.43
N ILE A 196 9.40 12.38 9.72
CA ILE A 196 10.52 12.03 10.59
C ILE A 196 10.03 11.85 12.00
N SER A 197 9.20 12.77 12.46
CA SER A 197 8.66 12.70 13.81
C SER A 197 7.88 11.41 14.01
N LEU A 198 7.03 11.08 13.03
CA LEU A 198 6.24 9.88 13.15
C LEU A 198 7.12 8.63 13.15
N ALA A 199 8.08 8.56 12.25
CA ALA A 199 8.94 7.38 12.21
C ALA A 199 9.70 7.20 13.54
N LYS A 200 10.25 8.30 14.06
CA LYS A 200 11.04 8.28 15.28
C LYS A 200 10.18 7.89 16.48
N THR A 201 9.05 8.55 16.67
CA THR A 201 8.19 8.24 17.79
C THR A 201 7.71 6.79 17.72
N THR A 202 7.36 6.33 16.53
CA THR A 202 6.90 4.97 16.35
C THR A 202 7.99 3.95 16.74
N PHE A 203 9.19 4.21 16.23
CA PHE A 203 10.34 3.35 16.55
C PHE A 203 10.59 3.30 18.05
N ASP A 204 10.62 4.48 18.69
CA ASP A 204 10.99 4.57 20.09
C ASP A 204 9.94 3.91 20.97
N GLU A 205 8.66 4.11 20.66
CA GLU A 205 7.63 3.48 21.43
C GLU A 205 7.63 1.96 21.26
N ALA A 206 7.96 1.48 20.07
CA ALA A 206 8.08 0.09 19.87
C ALA A 206 9.24 -0.52 20.64
N MET A 207 10.39 0.17 20.56
CA MET A 207 11.56 -0.24 21.33
C MET A 207 11.22 -0.53 22.78
N ALA A 208 10.46 0.36 23.39
CA ALA A 208 10.15 0.28 24.78
C ALA A 208 9.18 -0.82 25.12
N ASP A 209 8.53 -1.43 24.11
CA ASP A 209 7.57 -2.47 24.33
C ASP A 209 8.12 -3.85 23.92
N LEU A 210 9.31 -3.91 23.34
CA LEU A 210 9.90 -5.19 22.92
C LEU A 210 10.03 -6.20 24.07
N HIS A 211 10.19 -5.71 25.30
CA HIS A 211 10.44 -6.58 26.43
C HIS A 211 9.27 -7.50 26.72
N THR A 212 8.09 -7.14 26.19
CA THR A 212 6.87 -7.89 26.44
C THR A 212 6.68 -9.07 25.53
N LEU A 213 7.54 -9.19 24.52
CA LEU A 213 7.33 -10.10 23.39
C LEU A 213 8.07 -11.41 23.49
N SER A 214 7.49 -12.42 22.82
CA SER A 214 8.17 -13.68 22.60
C SER A 214 9.28 -13.45 21.61
N GLU A 215 10.13 -14.44 21.44
CA GLU A 215 11.20 -14.37 20.46
C GLU A 215 10.63 -14.15 19.07
N ASP A 216 9.55 -14.87 18.73
CA ASP A 216 9.00 -14.78 17.39
C ASP A 216 8.34 -13.43 17.15
N SER A 217 7.59 -12.93 18.13
CA SER A 217 7.00 -11.60 17.96
C SER A 217 8.06 -10.52 17.88
N TYR A 218 9.10 -10.67 18.70
CA TYR A 218 10.29 -9.78 18.69
C TYR A 218 10.87 -9.73 17.26
N LYS A 219 10.99 -10.88 16.62
CA LYS A 219 11.51 -10.90 15.27
C LYS A 219 10.63 -10.11 14.31
N ASP A 220 9.32 -10.33 14.42
CA ASP A 220 8.35 -9.66 13.55
C ASP A 220 8.45 -8.15 13.71
N SER A 221 8.44 -7.69 14.96
CA SER A 221 8.41 -6.28 15.24
C SER A 221 9.71 -5.62 14.85
N THR A 222 10.84 -6.24 15.18
CA THR A 222 12.13 -5.61 14.90
C THR A 222 12.38 -5.49 13.40
N LEU A 223 11.87 -6.43 12.61
CA LEU A 223 11.98 -6.34 11.17
C LEU A 223 11.40 -5.02 10.64
N ILE A 224 10.19 -4.68 11.07
CA ILE A 224 9.58 -3.45 10.58
C ILE A 224 10.22 -2.24 11.22
N MET A 225 10.66 -2.35 12.47
CA MET A 225 11.36 -1.26 13.12
C MET A 225 12.61 -0.89 12.32
N GLN A 226 13.30 -1.89 11.75
CA GLN A 226 14.49 -1.61 11.00
C GLN A 226 14.12 -0.79 9.78
N LEU A 227 12.95 -1.07 9.17
CA LEU A 227 12.49 -0.25 8.04
C LEU A 227 12.25 1.21 8.43
N LEU A 228 11.70 1.44 9.62
CA LEU A 228 11.57 2.80 10.16
C LEU A 228 12.94 3.47 10.32
N ARG A 229 13.90 2.69 10.81
CA ARG A 229 15.29 3.18 10.99
C ARG A 229 15.87 3.47 9.61
N ASP A 230 15.62 2.60 8.63
CA ASP A 230 16.21 2.78 7.31
C ASP A 230 15.74 4.10 6.70
N ASN A 231 14.45 4.40 6.87
CA ASN A 231 13.91 5.63 6.32
C ASN A 231 14.45 6.83 7.04
N LEU A 232 14.54 6.77 8.36
CA LEU A 232 15.12 7.86 9.13
C LEU A 232 16.55 8.14 8.70
N THR A 233 17.31 7.07 8.45
CA THR A 233 18.69 7.21 7.95
C THR A 233 18.72 7.90 6.57
N LEU A 234 17.76 7.55 5.72
CA LEU A 234 17.60 8.18 4.43
C LEU A 234 17.30 9.67 4.57
N TRP A 235 16.54 10.05 5.60
CA TRP A 235 15.96 11.38 5.69
C TRP A 235 16.70 12.37 6.57
N THR A 236 17.67 11.88 7.35
CA THR A 236 18.40 12.70 8.29
C THR A 236 19.91 12.66 8.03
N PHE B 1 14.00 5.25 -3.30
CA PHE B 1 12.66 5.32 -2.66
C PHE B 1 12.69 4.80 -1.23
N PRO B 2 11.85 5.33 -0.32
CA PRO B 2 11.79 4.86 1.06
C PRO B 2 11.03 3.54 1.20
N ALA B 3 11.25 2.83 2.32
CA ALA B 3 10.58 1.58 2.57
C ALA B 3 9.13 1.73 2.98
N TPO B 4 8.28 0.90 2.38
CA TPO B 4 6.86 0.72 2.76
CB TPO B 4 5.91 1.48 1.82
CG2 TPO B 4 6.08 2.98 1.91
OG1 TPO B 4 6.22 1.02 0.47
P TPO B 4 5.29 1.41 -0.80
O1P TPO B 4 5.72 0.36 -1.83
O2P TPO B 4 5.57 2.84 -1.21
O3P TPO B 4 3.88 1.23 -0.33
C TPO B 4 6.53 -0.77 2.78
O TPO B 4 7.24 -1.53 2.08
N VAL B 5 5.45 -1.16 3.44
CA VAL B 5 5.07 -2.57 3.49
C VAL B 5 3.62 -2.75 3.13
MG MG C . 2.03 12.87 17.11
MG MG D . -19.17 -22.33 -2.31
MG MG E . -3.56 10.39 -17.02
C1 NG9 F . 6.75 -7.02 3.97
C2 NG9 F . 7.53 -7.38 5.24
C3 NG9 F . 8.78 -6.53 5.38
C4 NG9 F . 6.62 -7.26 6.47
C5 NG9 F . 5.39 -8.19 6.44
C6 NG9 F . 3.46 -6.51 6.34
C10 NG9 F . 1.43 -5.22 6.12
C13 NG9 F . 2.97 -9.84 7.37
N1 NG9 F . 4.29 -7.47 5.76
C7 NG9 F . 3.67 -5.90 7.58
C8 NG9 F . 2.77 -4.97 8.08
C9 NG9 F . 1.67 -4.62 7.33
CL2 NG9 F . 0.56 -3.45 7.98
C11 NG9 F . 2.31 -6.14 5.61
C12 NG9 F . 5.06 -8.52 7.90
O1 NG9 F . 5.84 -8.13 8.78
N2 NG9 F . 3.97 -9.22 8.26
C14 NG9 F . 1.59 -9.26 7.63
C15 NG9 F . 1.20 -9.38 9.10
C16 NG9 F . -0.12 -8.67 9.38
N3 NG9 F . -1.31 -9.40 8.95
C17 NG9 F . -2.27 -9.81 9.78
O2 NG9 F . -2.20 -9.63 11.01
C18 NG9 F . -3.48 -10.58 9.31
C19 NG9 F . 2.30 -8.86 10.03
C20 NG9 F . 3.64 -9.47 9.68
C21 NG9 F . 5.70 -9.50 5.69
C22 NG9 F . 7.19 -9.87 5.61
C23 NG9 F . 7.71 -10.31 6.97
C24 NG9 F . 7.37 -10.99 4.58
O3 NG9 F . 7.99 -8.75 5.14
#